data_6BU0
#
_entry.id   6BU0
#
_cell.length_a   91.652
_cell.length_b   126.715
_cell.length_c   38.655
_cell.angle_alpha   90.000
_cell.angle_beta   90.000
_cell.angle_gamma   90.000
#
_symmetry.space_group_name_H-M   'P 21 21 2'
#
loop_
_entity.id
_entity.type
_entity.pdbx_description
1 polymer 'Phosphatidylinositol 4-phosphate 3-kinase C2 domain-containing subunit alpha'
2 non-polymer 'FORMIC ACID'
3 non-polymer 'INOSITOL HEXAKISPHOSPHATE'
4 non-polymer 1,4,7,10,13,16-HEXAOXACYCLOOCTADECANE
5 water water
#
_entity_poly.entity_id   1
_entity_poly.type   'polypeptide(L)'
_entity_poly.pdbx_seq_one_letter_code
;SNAIGGAVKLSISYRNGTLFIMVMHIKDLVTEDGADPNPYVKTYLLPDNHKTSKRKTKISRKTRNPTFNEMLVYSGYSKE
TLRQRELQLSVLSAESLRGNFFLGGVTLPLKDFNLSKETVKWYQLTAATYL
;
_entity_poly.pdbx_strand_id   A,B,C
#
# COMPACT_ATOMS: atom_id res chain seq x y z
N GLY A 5 -7.51 6.60 -18.20
CA GLY A 5 -7.70 5.84 -16.96
C GLY A 5 -7.46 6.65 -15.69
N GLY A 6 -7.95 7.89 -15.67
CA GLY A 6 -7.85 8.74 -14.50
C GLY A 6 -6.64 9.66 -14.52
N ALA A 7 -6.48 10.37 -13.40
CA ALA A 7 -5.52 11.46 -13.32
C ALA A 7 -4.95 11.53 -11.90
N VAL A 8 -3.68 11.92 -11.82
CA VAL A 8 -2.96 12.01 -10.56
C VAL A 8 -2.52 13.45 -10.32
N LYS A 9 -2.70 13.93 -9.09
CA LYS A 9 -2.26 15.25 -8.68
C LYS A 9 -0.93 15.15 -7.92
N LEU A 10 0.08 15.89 -8.40
CA LEU A 10 1.41 15.84 -7.83
C LEU A 10 1.90 17.23 -7.47
N SER A 11 2.66 17.33 -6.39
CA SER A 11 3.45 18.51 -6.09
C SER A 11 4.92 18.19 -6.33
N ILE A 12 5.58 18.96 -7.17
CA ILE A 12 6.98 18.75 -7.50
C ILE A 12 7.76 19.98 -7.08
N SER A 13 8.83 19.77 -6.30
CA SER A 13 9.67 20.87 -5.83
C SER A 13 11.11 20.37 -5.66
N TYR A 14 12.02 21.32 -5.42
CA TYR A 14 13.43 21.04 -5.29
C TYR A 14 14.04 21.95 -4.24
N ARG A 15 14.71 21.35 -3.25
CA ARG A 15 15.32 22.05 -2.12
CA ARG A 15 15.45 22.12 -2.26
C ARG A 15 16.51 21.24 -1.64
N ASN A 16 17.61 21.91 -1.24
CA ASN A 16 18.77 21.26 -0.58
C ASN A 16 19.22 20.00 -1.32
N GLY A 17 19.42 20.11 -2.62
CA GLY A 17 19.93 18.98 -3.35
C GLY A 17 18.93 17.86 -3.58
N THR A 18 17.64 18.08 -3.32
CA THR A 18 16.66 17.00 -3.27
C THR A 18 15.43 17.32 -4.11
N LEU A 19 15.07 16.38 -5.00
CA LEU A 19 13.78 16.45 -5.70
C LEU A 19 12.68 15.90 -4.79
N PHE A 20 11.67 16.72 -4.48
CA PHE A 20 10.52 16.28 -3.70
C PHE A 20 9.32 16.06 -4.61
N ILE A 21 8.73 14.89 -4.53
CA ILE A 21 7.57 14.55 -5.32
C ILE A 21 6.49 14.16 -4.34
N MET A 22 5.55 15.05 -4.12
CA MET A 22 4.42 14.80 -3.23
C MET A 22 3.26 14.23 -4.05
N VAL A 23 2.93 12.96 -3.84
CA VAL A 23 1.81 12.31 -4.51
C VAL A 23 0.57 12.56 -3.65
N MET A 24 -0.35 13.38 -4.16
CA MET A 24 -1.48 13.82 -3.33
C MET A 24 -2.66 12.84 -3.44
N HIS A 25 -3.38 12.86 -4.56
CA HIS A 25 -4.44 11.89 -4.75
CA HIS A 25 -4.43 11.87 -4.75
C HIS A 25 -4.65 11.61 -6.23
N ILE A 26 -5.44 10.57 -6.51
CA ILE A 26 -5.76 10.13 -7.85
C ILE A 26 -7.28 10.06 -7.96
N LYS A 27 -7.79 10.40 -9.15
CA LYS A 27 -9.22 10.32 -9.40
C LYS A 27 -9.54 9.47 -10.62
N ASP A 28 -10.68 8.77 -10.52
CA ASP A 28 -11.34 8.07 -11.63
C ASP A 28 -10.48 6.97 -12.25
N LEU A 29 -9.88 6.13 -11.40
CA LEU A 29 -9.24 4.93 -11.91
C LEU A 29 -10.29 3.96 -12.43
N VAL A 30 -9.90 3.15 -13.42
CA VAL A 30 -10.76 2.11 -13.97
C VAL A 30 -10.01 0.79 -14.06
N THR A 31 -10.72 -0.29 -13.76
CA THR A 31 -10.26 -1.67 -13.94
C THR A 31 -11.11 -2.34 -15.03
N GLU A 32 -10.49 -3.27 -15.77
CA GLU A 32 -11.26 -3.99 -16.78
C GLU A 32 -12.34 -4.86 -16.14
N ASP A 33 -12.03 -5.46 -15.00
CA ASP A 33 -12.97 -6.38 -14.38
C ASP A 33 -14.06 -5.70 -13.56
N GLY A 34 -13.94 -4.40 -13.29
CA GLY A 34 -14.93 -3.64 -12.57
C GLY A 34 -14.83 -3.68 -11.06
N ALA A 35 -13.93 -4.48 -10.49
CA ALA A 35 -13.68 -4.46 -9.05
C ALA A 35 -12.80 -3.26 -8.68
N ASP A 36 -12.91 -2.82 -7.45
CA ASP A 36 -12.05 -1.73 -7.00
C ASP A 36 -10.61 -2.21 -6.85
N PRO A 37 -9.62 -1.45 -7.34
CA PRO A 37 -8.21 -1.84 -7.22
C PRO A 37 -7.67 -1.50 -5.83
N ASN A 38 -6.38 -1.77 -5.64
CA ASN A 38 -5.68 -1.44 -4.39
C ASN A 38 -4.46 -0.65 -4.79
N PRO A 39 -4.67 0.59 -5.24
CA PRO A 39 -3.59 1.35 -5.90
C PRO A 39 -2.42 1.66 -4.97
N TYR A 40 -1.24 1.64 -5.58
CA TYR A 40 -0.04 2.28 -5.04
C TYR A 40 0.67 2.90 -6.22
N VAL A 41 1.47 3.92 -5.94
CA VAL A 41 2.20 4.67 -6.96
C VAL A 41 3.69 4.35 -6.83
N LYS A 42 4.32 4.10 -7.96
CA LYS A 42 5.72 3.74 -8.01
C LYS A 42 6.37 4.64 -9.06
N THR A 43 7.56 5.13 -8.75
CA THR A 43 8.30 6.01 -9.66
C THR A 43 9.72 5.49 -9.83
N TYR A 44 10.26 5.75 -11.02
CA TYR A 44 11.65 5.52 -11.33
C TYR A 44 12.20 6.79 -11.98
N LEU A 45 13.48 7.07 -11.72
CA LEU A 45 14.16 8.21 -12.33
C LEU A 45 14.95 7.71 -13.54
N LEU A 46 14.36 7.87 -14.72
CA LEU A 46 14.98 7.44 -15.97
C LEU A 46 16.08 8.38 -16.41
N PRO A 47 17.10 7.86 -17.11
CA PRO A 47 17.40 6.46 -17.42
C PRO A 47 17.69 5.60 -16.20
N ASP A 48 17.28 4.34 -16.27
CA ASP A 48 17.53 3.35 -15.23
C ASP A 48 17.36 2.01 -15.91
N ASN A 49 18.44 1.26 -16.08
CA ASN A 49 18.34 -0.04 -16.73
C ASN A 49 18.40 -1.18 -15.74
N HIS A 50 18.66 -0.92 -14.47
CA HIS A 50 18.77 -1.94 -13.44
C HIS A 50 17.86 -1.67 -12.27
N LYS A 51 16.96 -0.68 -12.37
CA LYS A 51 15.91 -0.38 -11.40
C LYS A 51 16.43 -0.02 -10.02
N THR A 52 17.43 0.85 -9.94
CA THR A 52 17.99 1.24 -8.65
C THR A 52 17.43 2.55 -8.10
N SER A 53 16.41 3.14 -8.74
CA SER A 53 15.83 4.42 -8.34
C SER A 53 14.32 4.32 -8.07
N LYS A 54 13.87 3.18 -7.54
CA LYS A 54 12.45 2.97 -7.21
C LYS A 54 12.02 3.76 -5.97
N ARG A 55 10.79 4.30 -6.04
CA ARG A 55 10.10 4.79 -4.85
C ARG A 55 8.64 4.33 -4.92
N LYS A 56 8.04 4.11 -3.76
CA LYS A 56 6.68 3.58 -3.69
C LYS A 56 5.90 4.27 -2.59
N THR A 57 4.63 4.49 -2.85
CA THR A 57 3.71 4.86 -1.80
C THR A 57 3.26 3.62 -1.04
N LYS A 58 2.47 3.85 -0.03
CA LYS A 58 1.86 2.75 0.61
C LYS A 58 0.68 2.35 -0.25
N ILE A 59 0.16 1.19 0.02
CA ILE A 59 -1.04 0.72 -0.67
C ILE A 59 -2.27 1.44 -0.14
N SER A 60 -3.20 1.78 -1.05
CA SER A 60 -4.50 2.35 -0.70
C SER A 60 -5.57 1.34 -1.07
N ARG A 61 -6.36 0.89 -0.10
CA ARG A 61 -7.16 -0.31 -0.33
C ARG A 61 -8.54 -0.02 -0.91
N LYS A 62 -8.95 -0.86 -1.87
CA LYS A 62 -10.31 -0.89 -2.41
C LYS A 62 -10.86 0.51 -2.74
N THR A 63 -10.24 1.20 -3.68
CA THR A 63 -10.69 2.53 -4.05
C THR A 63 -10.22 2.86 -5.46
N ARG A 64 -11.08 3.51 -6.23
CA ARG A 64 -10.68 4.11 -7.50
C ARG A 64 -10.28 5.57 -7.34
N ASN A 65 -10.31 6.12 -6.12
CA ASN A 65 -9.90 7.50 -5.87
C ASN A 65 -9.02 7.60 -4.62
N PRO A 66 -7.85 6.98 -4.65
CA PRO A 66 -6.98 7.01 -3.46
C PRO A 66 -6.49 8.42 -3.14
N THR A 67 -6.37 8.69 -1.84
CA THR A 67 -5.57 9.79 -1.31
C THR A 67 -4.33 9.21 -0.65
N PHE A 68 -3.14 9.73 -1.00
CA PHE A 68 -1.90 9.27 -0.40
C PHE A 68 -1.27 10.32 0.50
N ASN A 69 -1.13 11.55 0.00
CA ASN A 69 -0.41 12.62 0.70
C ASN A 69 0.97 12.15 1.14
N GLU A 70 1.70 11.56 0.20
CA GLU A 70 2.93 10.86 0.50
C GLU A 70 4.07 11.42 -0.32
N MET A 71 5.16 11.78 0.36
CA MET A 71 6.36 12.31 -0.26
C MET A 71 7.27 11.17 -0.75
N LEU A 72 7.58 11.16 -2.05
CA LEU A 72 8.66 10.36 -2.62
C LEU A 72 9.86 11.27 -2.88
N VAL A 73 11.05 10.84 -2.44
CA VAL A 73 12.20 11.72 -2.32
C VAL A 73 13.40 11.16 -3.08
N TYR A 74 14.02 11.98 -3.92
CA TYR A 74 15.25 11.67 -4.65
C TYR A 74 16.33 12.66 -4.23
N SER A 75 17.19 12.25 -3.31
CA SER A 75 18.27 13.10 -2.80
C SER A 75 19.55 13.00 -3.61
N GLY A 76 20.36 14.06 -3.56
CA GLY A 76 21.66 14.03 -4.20
C GLY A 76 21.71 14.21 -5.70
N TYR A 77 20.81 15.01 -6.28
CA TYR A 77 20.89 15.42 -7.68
C TYR A 77 20.88 16.94 -7.77
N SER A 78 21.75 17.48 -8.61
CA SER A 78 21.72 18.88 -8.95
C SER A 78 20.63 19.13 -9.98
N LYS A 79 20.13 20.38 -10.00
CA LYS A 79 19.12 20.73 -10.99
C LYS A 79 19.62 20.46 -12.40
N GLU A 80 20.91 20.71 -12.65
CA GLU A 80 21.47 20.49 -13.97
C GLU A 80 21.42 19.01 -14.36
N THR A 81 21.62 18.13 -13.37
CA THR A 81 21.56 16.70 -13.62
C THR A 81 20.12 16.24 -13.83
N LEU A 82 19.20 16.78 -13.04
CA LEU A 82 17.81 16.36 -13.16
C LEU A 82 17.23 16.69 -14.52
N ARG A 83 17.71 17.77 -15.16
CA ARG A 83 17.18 18.17 -16.45
C ARG A 83 17.46 17.13 -17.53
N GLN A 84 18.40 16.23 -17.28
CA GLN A 84 18.63 15.08 -18.14
C GLN A 84 17.76 13.87 -17.79
N ARG A 85 16.95 13.94 -16.74
CA ARG A 85 16.21 12.77 -16.27
C ARG A 85 14.70 12.89 -16.55
N GLU A 86 14.03 11.74 -16.52
CA GLU A 86 12.58 11.68 -16.59
C GLU A 86 12.01 10.95 -15.38
N LEU A 87 10.97 11.52 -14.80
CA LEU A 87 10.22 10.85 -13.75
C LEU A 87 9.19 9.93 -14.40
N GLN A 88 9.37 8.63 -14.20
CA GLN A 88 8.42 7.65 -14.69
C GLN A 88 7.54 7.25 -13.51
N LEU A 89 6.25 7.53 -13.64
CA LEU A 89 5.30 7.29 -12.57
C LEU A 89 4.29 6.26 -13.07
N SER A 90 4.11 5.21 -12.28
CA SER A 90 3.18 4.14 -12.61
C SER A 90 2.23 3.93 -11.45
N VAL A 91 0.97 3.61 -11.76
CA VAL A 91 -0.05 3.26 -10.77
C VAL A 91 -0.37 1.78 -10.93
N LEU A 92 -0.33 1.05 -9.83
CA LEU A 92 -0.51 -0.40 -9.84
C LEU A 92 -1.47 -0.81 -8.73
N SER A 93 -2.13 -1.93 -8.94
CA SER A 93 -2.99 -2.52 -7.92
C SER A 93 -2.22 -3.60 -7.19
N ALA A 94 -2.10 -3.47 -5.86
CA ALA A 94 -1.56 -4.54 -5.03
C ALA A 94 -2.59 -5.66 -4.91
N GLU A 95 -2.27 -6.84 -5.44
CA GLU A 95 -3.19 -7.97 -5.50
C GLU A 95 -2.55 -9.20 -4.84
N SER A 96 -3.36 -9.94 -4.08
CA SER A 96 -2.88 -11.14 -3.41
C SER A 96 -3.13 -12.43 -4.19
N LEU A 97 -4.07 -12.45 -5.13
CA LEU A 97 -4.36 -13.65 -5.89
C LEU A 97 -4.08 -13.51 -7.37
N ARG A 98 -3.47 -12.42 -7.82
CA ARG A 98 -3.11 -12.26 -9.22
C ARG A 98 -2.00 -11.21 -9.29
N GLY A 99 -1.47 -11.01 -10.50
CA GLY A 99 -0.36 -10.08 -10.64
C GLY A 99 -0.77 -8.66 -10.30
N ASN A 100 0.22 -7.88 -9.85
CA ASN A 100 -0.04 -6.48 -9.54
C ASN A 100 -0.23 -5.70 -10.84
N PHE A 101 -1.48 -5.55 -11.31
CA PHE A 101 -1.70 -5.04 -12.66
C PHE A 101 -1.56 -3.52 -12.75
N PHE A 102 -1.20 -3.08 -13.95
CA PHE A 102 -0.99 -1.68 -14.28
C PHE A 102 -2.32 -0.96 -14.55
N LEU A 103 -2.51 0.20 -13.91
CA LEU A 103 -3.70 1.04 -14.05
C LEU A 103 -3.46 2.32 -14.84
N GLY A 104 -2.23 2.64 -15.16
CA GLY A 104 -1.90 3.84 -15.92
C GLY A 104 -0.63 4.47 -15.39
N GLY A 105 0.02 5.25 -16.23
CA GLY A 105 1.16 5.99 -15.75
C GLY A 105 1.40 7.23 -16.59
N VAL A 106 2.42 7.96 -16.20
CA VAL A 106 2.80 9.18 -16.90
C VAL A 106 4.28 9.38 -16.68
N THR A 107 4.94 9.93 -17.69
CA THR A 107 6.38 10.17 -17.71
C THR A 107 6.60 11.66 -17.87
N LEU A 108 7.32 12.25 -16.93
CA LEU A 108 7.45 13.71 -16.84
C LEU A 108 8.91 14.10 -16.98
N PRO A 109 9.33 14.60 -18.14
CA PRO A 109 10.70 15.11 -18.25
C PRO A 109 10.91 16.26 -17.29
N LEU A 110 12.04 16.26 -16.60
CA LEU A 110 12.26 17.26 -15.56
C LEU A 110 12.76 18.58 -16.10
N LYS A 111 13.18 18.60 -17.37
CA LYS A 111 13.53 19.85 -18.03
C LYS A 111 12.32 20.77 -18.18
N ASP A 112 11.09 20.23 -18.10
CA ASP A 112 9.87 21.03 -18.20
C ASP A 112 9.54 21.81 -16.93
N PHE A 113 10.22 21.59 -15.82
CA PHE A 113 9.81 22.17 -14.55
C PHE A 113 10.71 23.33 -14.14
N ASN A 114 10.11 24.33 -13.52
CA ASN A 114 10.86 25.40 -12.86
C ASN A 114 11.19 24.90 -11.47
N LEU A 115 12.42 24.41 -11.28
CA LEU A 115 12.79 23.75 -10.04
C LEU A 115 13.08 24.75 -8.93
N SER A 116 13.01 26.04 -9.21
CA SER A 116 12.99 27.09 -8.22
C SER A 116 11.60 27.35 -7.64
N LYS A 117 10.58 26.68 -8.15
CA LYS A 117 9.20 26.89 -7.75
C LYS A 117 8.57 25.53 -7.42
N GLU A 118 7.49 25.54 -6.64
CA GLU A 118 6.68 24.34 -6.45
C GLU A 118 5.61 24.26 -7.54
N THR A 119 5.47 23.08 -8.16
CA THR A 119 4.56 22.91 -9.30
C THR A 119 3.50 21.88 -8.93
N VAL A 120 2.28 22.35 -8.70
CA VAL A 120 1.15 21.49 -8.34
C VAL A 120 0.24 21.38 -9.54
N LYS A 121 0.07 20.17 -10.07
CA LYS A 121 -0.66 19.98 -11.31
C LYS A 121 -1.24 18.57 -11.32
N TRP A 122 -2.36 18.42 -12.02
CA TRP A 122 -2.90 17.12 -12.41
C TRP A 122 -2.20 16.59 -13.66
N TYR A 123 -2.15 15.27 -13.78
CA TYR A 123 -1.59 14.64 -14.97
C TYR A 123 -2.45 13.46 -15.36
N GLN A 124 -2.66 13.31 -16.67
CA GLN A 124 -3.47 12.23 -17.19
C GLN A 124 -2.69 10.93 -17.14
N LEU A 125 -3.31 9.86 -16.63
CA LEU A 125 -2.71 8.54 -16.74
C LEU A 125 -3.03 7.92 -18.11
N THR A 126 -2.04 7.25 -18.69
CA THR A 126 -2.16 6.61 -19.98
C THR A 126 -1.60 5.21 -19.89
N ALA A 127 -1.66 4.47 -20.99
CA ALA A 127 -1.23 3.07 -21.02
C ALA A 127 -0.02 2.85 -21.91
N ALA B 3 22.98 -21.27 -12.16
CA ALA B 3 23.62 -20.74 -10.96
C ALA B 3 22.81 -21.10 -9.69
N ILE B 4 23.51 -21.32 -8.57
CA ILE B 4 22.96 -21.97 -7.37
C ILE B 4 22.30 -20.92 -6.47
N GLY B 5 21.07 -21.22 -6.01
CA GLY B 5 20.30 -20.20 -5.31
C GLY B 5 19.84 -20.44 -3.89
N GLY B 6 20.16 -21.59 -3.28
CA GLY B 6 19.60 -22.01 -2.00
C GLY B 6 18.67 -23.20 -2.19
N ALA B 7 17.97 -23.55 -1.10
CA ALA B 7 16.95 -24.60 -1.16
C ALA B 7 15.73 -24.21 -0.33
N VAL B 8 14.57 -24.74 -0.73
CA VAL B 8 13.30 -24.44 -0.07
C VAL B 8 12.59 -25.75 0.29
N LYS B 9 12.04 -25.82 1.49
CA LYS B 9 11.26 -26.97 1.95
C LYS B 9 9.78 -26.69 1.79
N LEU B 10 9.09 -27.60 1.12
CA LEU B 10 7.70 -27.42 0.77
C LEU B 10 6.92 -28.66 1.15
N SER B 11 5.64 -28.46 1.49
CA SER B 11 4.67 -29.52 1.64
C SER B 11 3.55 -29.32 0.64
N ILE B 12 3.19 -30.37 -0.07
CA ILE B 12 2.20 -30.27 -1.13
C ILE B 12 1.19 -31.37 -0.92
N SER B 13 -0.08 -31.00 -0.95
CA SER B 13 -1.18 -31.93 -0.71
C SER B 13 -2.42 -31.37 -1.37
N TYR B 14 -3.42 -32.24 -1.50
CA TYR B 14 -4.64 -31.93 -2.21
C TYR B 14 -5.78 -32.60 -1.45
N ARG B 15 -6.74 -31.80 -1.00
CA ARG B 15 -7.90 -32.27 -0.26
C ARG B 15 -9.08 -31.39 -0.63
N ASN B 16 -10.25 -32.00 -0.80
CA ASN B 16 -11.52 -31.27 -0.94
C ASN B 16 -11.44 -30.22 -2.05
N GLY B 17 -10.82 -30.57 -3.17
CA GLY B 17 -10.79 -29.69 -4.31
C GLY B 17 -9.75 -28.59 -4.24
N THR B 18 -8.94 -28.58 -3.18
CA THR B 18 -7.93 -27.56 -2.99
C THR B 18 -6.53 -28.15 -3.05
N LEU B 19 -5.63 -27.47 -3.75
CA LEU B 19 -4.20 -27.72 -3.66
C LEU B 19 -3.64 -26.91 -2.51
N PHE B 20 -2.85 -27.54 -1.63
CA PHE B 20 -2.26 -26.87 -0.49
C PHE B 20 -0.74 -26.84 -0.63
N ILE B 21 -0.15 -25.65 -0.63
CA ILE B 21 1.30 -25.48 -0.75
C ILE B 21 1.82 -24.85 0.55
N MET B 22 2.33 -25.67 1.47
CA MET B 22 2.89 -25.20 2.73
C MET B 22 4.36 -24.84 2.53
N VAL B 23 4.66 -23.54 2.43
CA VAL B 23 6.05 -23.07 2.35
C VAL B 23 6.61 -23.02 3.75
N MET B 24 7.69 -23.76 3.98
CA MET B 24 8.17 -23.90 5.35
C MET B 24 9.36 -22.99 5.61
N HIS B 25 10.56 -23.38 5.18
CA HIS B 25 11.68 -22.45 5.30
C HIS B 25 12.70 -22.70 4.20
N ILE B 26 13.59 -21.72 4.04
CA ILE B 26 14.55 -21.68 2.95
C ILE B 26 15.94 -21.61 3.55
N LYS B 27 16.92 -22.24 2.87
CA LYS B 27 18.33 -22.21 3.28
C LYS B 27 19.22 -21.61 2.20
N ASP B 28 20.18 -20.79 2.63
CA ASP B 28 21.34 -20.36 1.79
C ASP B 28 20.94 -19.55 0.56
N LEU B 29 20.01 -18.60 0.71
CA LEU B 29 19.78 -17.66 -0.38
C LEU B 29 21.04 -16.83 -0.57
N VAL B 30 21.33 -16.42 -1.81
CA VAL B 30 22.55 -15.67 -2.12
C VAL B 30 22.20 -14.33 -2.76
N THR B 31 22.99 -13.30 -2.46
CA THR B 31 22.84 -11.97 -3.03
C THR B 31 24.17 -11.44 -3.57
N GLU B 32 24.06 -10.64 -4.64
CA GLU B 32 25.22 -10.14 -5.38
C GLU B 32 26.08 -9.18 -4.55
N ASP B 33 25.44 -8.25 -3.83
CA ASP B 33 26.16 -7.24 -3.04
C ASP B 33 26.56 -7.71 -1.64
N GLY B 34 26.16 -8.91 -1.24
CA GLY B 34 26.50 -9.46 0.07
C GLY B 34 25.59 -9.00 1.19
N ALA B 35 24.66 -8.08 0.93
CA ALA B 35 23.71 -7.64 1.94
C ALA B 35 22.59 -8.66 2.11
N ASP B 36 22.05 -8.73 3.32
CA ASP B 36 20.94 -9.64 3.59
C ASP B 36 19.68 -9.19 2.86
N PRO B 37 18.91 -10.12 2.29
CA PRO B 37 17.69 -9.75 1.57
C PRO B 37 16.46 -9.83 2.46
N ASN B 38 15.28 -9.56 1.89
CA ASN B 38 14.01 -9.61 2.62
C ASN B 38 13.08 -10.52 1.84
N PRO B 39 13.35 -11.83 1.86
CA PRO B 39 12.67 -12.75 0.91
C PRO B 39 11.18 -12.90 1.11
N TYR B 40 10.48 -13.11 -0.02
CA TYR B 40 9.13 -13.63 -0.05
C TYR B 40 9.02 -14.61 -1.21
N VAL B 41 8.11 -15.55 -1.04
CA VAL B 41 7.88 -16.61 -2.01
C VAL B 41 6.60 -16.31 -2.74
N LYS B 42 6.61 -16.50 -4.05
CA LYS B 42 5.53 -16.17 -4.96
C LYS B 42 5.36 -17.34 -5.90
N THR B 43 4.13 -17.83 -6.03
CA THR B 43 3.86 -18.96 -6.90
C THR B 43 2.91 -18.56 -8.01
N TYR B 44 3.07 -19.22 -9.15
CA TYR B 44 2.13 -19.20 -10.26
C TYR B 44 1.87 -20.61 -10.76
N LEU B 45 0.63 -20.90 -11.16
CA LEU B 45 0.25 -22.18 -11.77
C LEU B 45 0.29 -22.03 -13.30
N LEU B 46 1.42 -22.34 -13.90
CA LEU B 46 1.57 -22.27 -15.36
C LEU B 46 0.83 -23.39 -16.08
N PRO B 47 0.38 -23.16 -17.33
CA PRO B 47 0.41 -21.92 -18.12
C PRO B 47 -0.44 -20.82 -17.52
N ASP B 48 0.02 -19.58 -17.68
CA ASP B 48 -0.63 -18.44 -17.05
C ASP B 48 -0.16 -17.13 -17.66
N ASN B 49 -0.54 -16.85 -18.91
CA ASN B 49 -0.02 -15.64 -19.54
C ASN B 49 -0.60 -14.36 -18.96
N HIS B 50 -1.77 -14.41 -18.32
CA HIS B 50 -2.44 -13.20 -17.84
C HIS B 50 -2.29 -13.01 -16.32
N LYS B 51 -1.14 -13.40 -15.76
CA LYS B 51 -0.99 -13.61 -14.33
C LYS B 51 -2.19 -14.45 -13.94
N THR B 52 -2.90 -14.01 -12.90
CA THR B 52 -4.17 -14.62 -12.56
C THR B 52 -4.19 -15.86 -11.70
N SER B 53 -3.11 -16.20 -11.07
CA SER B 53 -3.04 -17.40 -10.24
C SER B 53 -1.84 -17.13 -9.31
N LYS B 54 -1.59 -15.86 -9.00
CA LYS B 54 -0.53 -15.52 -8.06
C LYS B 54 -0.91 -15.88 -6.64
N ARG B 55 0.08 -16.30 -5.85
CA ARG B 55 0.00 -16.39 -4.40
C ARG B 55 1.37 -15.99 -3.86
N LYS B 56 1.38 -15.42 -2.65
CA LYS B 56 2.58 -14.84 -2.04
C LYS B 56 2.55 -15.09 -0.55
N THR B 57 3.73 -15.26 0.01
CA THR B 57 3.91 -15.25 1.46
C THR B 57 4.08 -13.81 1.95
N LYS B 58 4.11 -13.66 3.27
CA LYS B 58 4.57 -12.44 3.91
C LYS B 58 6.09 -12.30 3.75
N ILE B 59 6.56 -11.06 3.88
CA ILE B 59 8.00 -10.83 3.89
C ILE B 59 8.62 -11.36 5.18
N SER B 60 9.83 -11.93 5.06
CA SER B 60 10.68 -12.28 6.18
C SER B 60 11.95 -11.45 6.05
N ARG B 61 12.18 -10.52 6.96
CA ARG B 61 13.13 -9.45 6.66
C ARG B 61 14.56 -9.79 7.07
N LYS B 62 15.51 -9.23 6.32
CA LYS B 62 16.96 -9.34 6.51
C LYS B 62 17.40 -10.71 7.01
N THR B 63 17.32 -11.71 6.14
CA THR B 63 17.81 -13.05 6.42
C THR B 63 17.98 -13.74 5.09
N ARG B 64 18.95 -14.65 5.02
CA ARG B 64 19.09 -15.52 3.88
C ARG B 64 18.56 -16.91 4.17
N ASN B 65 17.95 -17.11 5.34
CA ASN B 65 17.29 -18.36 5.70
C ASN B 65 15.92 -18.06 6.30
N PRO B 66 14.99 -17.54 5.50
CA PRO B 66 13.66 -17.24 6.03
C PRO B 66 12.90 -18.48 6.50
N THR B 67 12.16 -18.33 7.59
CA THR B 67 11.11 -19.28 7.95
C THR B 67 9.76 -18.64 7.64
N PHE B 68 8.90 -19.37 6.91
CA PHE B 68 7.59 -18.84 6.58
C PHE B 68 6.48 -19.62 7.27
N ASN B 69 6.51 -20.94 7.19
CA ASN B 69 5.42 -21.78 7.69
C ASN B 69 4.08 -21.26 7.22
N GLU B 70 4.00 -20.87 5.95
CA GLU B 70 2.81 -20.23 5.40
C GLU B 70 2.16 -21.09 4.33
N MET B 71 0.83 -21.13 4.34
CA MET B 71 0.05 -21.89 3.36
C MET B 71 -0.34 -21.01 2.18
N LEU B 72 -0.01 -21.45 0.97
CA LEU B 72 -0.61 -20.93 -0.25
C LEU B 72 -1.66 -21.92 -0.75
N VAL B 73 -2.85 -21.44 -1.06
CA VAL B 73 -4.01 -22.30 -1.32
C VAL B 73 -4.60 -22.00 -2.70
N TYR B 74 -4.82 -23.04 -3.48
CA TYR B 74 -5.46 -22.95 -4.79
C TYR B 74 -6.73 -23.80 -4.76
N SER B 75 -7.89 -23.15 -4.75
CA SER B 75 -9.17 -23.83 -4.78
C SER B 75 -9.75 -23.86 -6.19
N GLY B 76 -10.67 -24.81 -6.42
CA GLY B 76 -11.42 -24.86 -7.65
C GLY B 76 -10.79 -25.63 -8.81
N TYR B 77 -9.61 -26.25 -8.62
CA TYR B 77 -9.04 -27.13 -9.63
C TYR B 77 -9.31 -28.61 -9.31
N SER B 78 -9.64 -29.38 -10.34
CA SER B 78 -9.64 -30.84 -10.30
C SER B 78 -8.23 -31.40 -10.35
N LYS B 79 -8.08 -32.64 -9.85
CA LYS B 79 -6.79 -33.32 -9.96
C LYS B 79 -6.38 -33.45 -11.42
N GLU B 80 -7.35 -33.63 -12.33
CA GLU B 80 -7.04 -33.74 -13.76
C GLU B 80 -6.47 -32.45 -14.31
N THR B 81 -7.06 -31.31 -13.93
CA THR B 81 -6.55 -30.02 -14.39
C THR B 81 -5.15 -29.77 -13.87
N LEU B 82 -4.90 -30.14 -12.61
CA LEU B 82 -3.64 -29.83 -11.96
C LEU B 82 -2.46 -30.56 -12.58
N ARG B 83 -2.70 -31.75 -13.15
CA ARG B 83 -1.60 -32.49 -13.76
CA ARG B 83 -1.61 -32.50 -13.76
C ARG B 83 -1.17 -31.88 -15.10
N GLN B 84 -1.99 -31.01 -15.68
CA GLN B 84 -1.63 -30.20 -16.84
C GLN B 84 -0.86 -28.93 -16.46
N ARG B 85 -0.64 -28.69 -15.17
CA ARG B 85 -0.06 -27.44 -14.70
CA ARG B 85 -0.07 -27.45 -14.69
C ARG B 85 1.30 -27.68 -14.06
N GLU B 86 2.11 -26.63 -14.06
CA GLU B 86 3.36 -26.61 -13.33
C GLU B 86 3.26 -25.56 -12.23
N LEU B 87 3.79 -25.88 -11.05
CA LEU B 87 3.88 -24.91 -9.97
C LEU B 87 5.20 -24.17 -10.15
N GLN B 88 5.12 -22.90 -10.52
CA GLN B 88 6.32 -22.09 -10.65
C GLN B 88 6.50 -21.31 -9.35
N LEU B 89 7.69 -21.40 -8.76
CA LEU B 89 7.94 -20.82 -7.45
C LEU B 89 9.17 -19.92 -7.52
N SER B 90 9.06 -18.72 -6.96
CA SER B 90 10.09 -17.71 -7.07
C SER B 90 10.33 -17.08 -5.72
N VAL B 91 11.58 -16.84 -5.41
CA VAL B 91 11.95 -16.15 -4.19
C VAL B 91 12.48 -14.78 -4.59
N LEU B 92 11.93 -13.74 -3.99
CA LEU B 92 12.24 -12.38 -4.37
C LEU B 92 12.54 -11.61 -3.12
N SER B 93 13.38 -10.60 -3.26
CA SER B 93 13.62 -9.70 -2.14
C SER B 93 12.66 -8.53 -2.24
N ALA B 94 11.95 -8.26 -1.15
CA ALA B 94 11.02 -7.12 -1.10
C ALA B 94 11.84 -5.89 -0.77
N GLU B 95 12.13 -5.10 -1.80
CA GLU B 95 13.01 -3.94 -1.70
C GLU B 95 12.17 -2.67 -1.76
N SER B 96 12.44 -1.73 -0.85
CA SER B 96 11.66 -0.50 -0.81
C SER B 96 12.27 0.63 -1.63
N LEU B 97 13.58 0.60 -1.91
CA LEU B 97 14.25 1.66 -2.66
C LEU B 97 14.86 1.18 -3.98
N ARG B 98 14.62 -0.06 -4.38
CA ARG B 98 15.05 -0.56 -5.68
C ARG B 98 14.11 -1.70 -6.07
N GLY B 99 14.24 -2.17 -7.30
CA GLY B 99 13.32 -3.20 -7.76
C GLY B 99 13.47 -4.49 -6.96
N ASN B 100 12.37 -5.25 -6.92
CA ASN B 100 12.31 -6.50 -6.15
C ASN B 100 13.04 -7.59 -6.93
N PHE B 101 14.31 -7.81 -6.62
CA PHE B 101 15.11 -8.69 -7.45
C PHE B 101 14.84 -10.16 -7.16
N PHE B 102 14.98 -10.95 -8.22
CA PHE B 102 14.89 -12.40 -8.16
C PHE B 102 16.06 -13.00 -7.40
N LEU B 103 15.79 -13.98 -6.54
CA LEU B 103 16.85 -14.67 -5.79
C LEU B 103 17.06 -16.11 -6.24
N GLY B 104 15.97 -16.80 -6.56
CA GLY B 104 16.05 -18.11 -7.15
C GLY B 104 14.66 -18.68 -7.25
N GLY B 105 14.55 -19.76 -8.01
CA GLY B 105 13.26 -20.37 -8.10
C GLY B 105 13.35 -21.80 -8.57
N VAL B 106 12.18 -22.41 -8.72
CA VAL B 106 12.08 -23.80 -9.12
C VAL B 106 10.68 -23.99 -9.68
N THR B 107 10.57 -24.81 -10.72
CA THR B 107 9.29 -25.13 -11.34
C THR B 107 9.01 -26.60 -11.15
N LEU B 108 7.83 -26.92 -10.61
CA LEU B 108 7.49 -28.30 -10.28
C LEU B 108 6.27 -28.77 -11.05
N PRO B 109 6.41 -29.68 -12.02
CA PRO B 109 5.22 -30.25 -12.66
C PRO B 109 4.39 -30.99 -11.63
N LEU B 110 3.07 -30.78 -11.71
CA LEU B 110 2.22 -31.39 -10.71
C LEU B 110 1.83 -32.82 -11.03
N LYS B 111 2.16 -33.30 -12.23
CA LYS B 111 1.96 -34.71 -12.51
C LYS B 111 2.89 -35.60 -11.70
N ASP B 112 3.96 -35.03 -11.14
CA ASP B 112 4.92 -35.84 -10.39
C ASP B 112 4.48 -36.15 -8.97
N PHE B 113 3.37 -35.59 -8.50
CA PHE B 113 2.92 -35.78 -7.13
C PHE B 113 1.75 -36.75 -7.04
N ASN B 114 1.76 -37.59 -6.03
CA ASN B 114 0.58 -38.34 -5.67
C ASN B 114 -0.28 -37.43 -4.80
N LEU B 115 -1.36 -36.92 -5.39
CA LEU B 115 -2.15 -35.87 -4.76
C LEU B 115 -3.06 -36.41 -3.66
N SER B 116 -3.19 -37.73 -3.56
CA SER B 116 -3.89 -38.32 -2.42
C SER B 116 -2.95 -38.56 -1.23
N LYS B 117 -1.90 -37.75 -1.10
CA LYS B 117 -0.94 -37.83 -0.01
C LYS B 117 -0.24 -36.49 0.12
N GLU B 118 0.23 -36.17 1.33
CA GLU B 118 1.15 -35.05 1.50
C GLU B 118 2.56 -35.46 1.07
N THR B 119 3.31 -34.50 0.52
CA THR B 119 4.65 -34.73 0.01
C THR B 119 5.56 -33.66 0.57
N VAL B 120 6.54 -34.04 1.36
CA VAL B 120 7.43 -33.09 2.00
C VAL B 120 8.84 -33.39 1.52
N LYS B 121 9.45 -32.41 0.86
CA LYS B 121 10.83 -32.57 0.43
C LYS B 121 11.44 -31.20 0.16
N TRP B 122 12.76 -31.20 0.06
CA TRP B 122 13.55 -30.04 -0.30
C TRP B 122 13.71 -29.96 -1.82
N TYR B 123 13.94 -28.72 -2.30
CA TYR B 123 14.14 -28.45 -3.71
C TYR B 123 15.23 -27.40 -3.87
N GLN B 124 16.12 -27.61 -4.84
CA GLN B 124 17.14 -26.62 -5.13
C GLN B 124 16.52 -25.41 -5.85
N LEU B 125 17.03 -24.23 -5.52
CA LEU B 125 16.62 -22.98 -6.15
C LEU B 125 17.68 -22.55 -7.18
N THR B 126 17.22 -22.22 -8.38
CA THR B 126 18.08 -21.81 -9.49
C THR B 126 17.91 -20.32 -9.74
N ALA B 127 19.03 -19.60 -9.79
CA ALA B 127 19.03 -18.16 -10.00
C ALA B 127 19.37 -17.83 -11.45
N ALA B 128 19.80 -16.59 -11.69
CA ALA B 128 20.21 -16.15 -13.03
C ALA B 128 21.46 -16.89 -13.52
N ASN C 2 0.55 0.53 8.70
CA ASN C 2 0.56 -0.07 7.39
C ASN C 2 -0.84 -0.06 6.72
N ALA C 3 -0.89 0.25 5.42
CA ALA C 3 -2.07 0.23 4.55
C ALA C 3 -3.08 1.34 4.83
N ILE C 4 -3.28 2.21 3.83
CA ILE C 4 -4.31 3.23 3.82
C ILE C 4 -5.70 2.59 3.64
N GLY C 5 -6.60 3.12 4.48
CA GLY C 5 -8.01 2.78 4.67
C GLY C 5 -9.22 3.71 4.53
N GLY C 6 -9.07 4.75 3.74
CA GLY C 6 -10.04 5.63 3.12
C GLY C 6 -9.36 6.95 3.44
N ALA C 7 -10.19 8.00 3.42
CA ALA C 7 -9.73 9.36 3.66
C ALA C 7 -10.86 10.16 4.28
N VAL C 8 -10.49 11.21 5.00
CA VAL C 8 -11.45 12.11 5.64
C VAL C 8 -11.13 13.56 5.27
N LYS C 9 -12.18 14.32 4.94
CA LYS C 9 -12.03 15.74 4.67
C LYS C 9 -12.37 16.54 5.93
N LEU C 10 -11.44 17.37 6.38
CA LEU C 10 -11.63 18.20 7.55
C LEU C 10 -11.43 19.66 7.21
N SER C 11 -12.14 20.52 7.93
CA SER C 11 -11.85 21.95 8.00
C SER C 11 -11.37 22.26 9.42
N ILE C 12 -10.21 22.90 9.52
CA ILE C 12 -9.61 23.24 10.80
C ILE C 12 -9.39 24.75 10.83
N SER C 13 -9.86 25.41 11.88
CA SER C 13 -9.66 26.85 12.05
C SER C 13 -9.65 27.17 13.55
N TYR C 14 -9.14 28.36 13.87
CA TYR C 14 -9.02 28.79 15.26
C TYR C 14 -9.42 30.25 15.37
N ARG C 15 -10.44 30.53 16.17
CA ARG C 15 -10.83 31.90 16.48
C ARG C 15 -11.34 31.95 17.91
N ASN C 16 -10.96 33.00 18.64
CA ASN C 16 -11.49 33.31 19.96
C ASN C 16 -11.27 32.16 20.95
N GLY C 17 -10.05 31.62 20.95
CA GLY C 17 -9.69 30.63 21.94
C GLY C 17 -10.27 29.26 21.72
N THR C 18 -10.73 28.97 20.50
CA THR C 18 -11.46 27.73 20.22
C THR C 18 -10.92 27.09 18.95
N LEU C 19 -10.50 25.83 19.07
CA LEU C 19 -10.15 25.02 17.91
C LEU C 19 -11.44 24.50 17.27
N PHE C 20 -11.62 24.76 15.99
CA PHE C 20 -12.79 24.31 15.24
C PHE C 20 -12.37 23.22 14.27
N ILE C 21 -13.01 22.05 14.37
CA ILE C 21 -12.72 20.90 13.52
C ILE C 21 -14.04 20.49 12.87
N MET C 22 -14.26 20.96 11.64
CA MET C 22 -15.42 20.57 10.85
C MET C 22 -15.12 19.24 10.17
N VAL C 23 -15.76 18.17 10.64
CA VAL C 23 -15.67 16.86 9.98
C VAL C 23 -16.70 16.87 8.85
N MET C 24 -16.22 16.81 7.62
CA MET C 24 -17.08 17.02 6.47
C MET C 24 -17.61 15.69 5.94
N HIS C 25 -16.78 14.93 5.23
CA HIS C 25 -17.23 13.61 4.77
C HIS C 25 -16.00 12.74 4.55
N ILE C 26 -16.26 11.45 4.35
CA ILE C 26 -15.25 10.42 4.30
C ILE C 26 -15.50 9.55 3.08
N LYS C 27 -14.45 9.20 2.37
CA LYS C 27 -14.56 8.29 1.24
C LYS C 27 -13.81 6.99 1.52
N ASP C 28 -14.39 5.87 1.06
CA ASP C 28 -13.71 4.57 0.93
C ASP C 28 -13.26 3.95 2.26
N LEU C 29 -14.11 3.97 3.29
CA LEU C 29 -13.81 3.14 4.45
C LEU C 29 -13.76 1.67 4.03
N VAL C 30 -12.78 0.94 4.56
CA VAL C 30 -12.66 -0.48 4.30
C VAL C 30 -13.01 -1.25 5.56
N THR C 31 -13.57 -2.44 5.37
CA THR C 31 -13.83 -3.38 6.45
C THR C 31 -13.29 -4.76 6.06
N GLU C 32 -12.95 -5.56 7.06
CA GLU C 32 -12.50 -6.91 6.77
C GLU C 32 -13.63 -7.79 6.28
N ASP C 33 -14.87 -7.52 6.72
CA ASP C 33 -15.98 -8.40 6.43
C ASP C 33 -16.59 -8.17 5.06
N GLY C 34 -16.33 -7.01 4.45
CA GLY C 34 -16.94 -6.66 3.20
C GLY C 34 -18.28 -5.95 3.28
N ALA C 35 -18.86 -5.78 4.47
CA ALA C 35 -20.11 -5.05 4.60
C ALA C 35 -19.86 -3.63 5.06
N ASP C 36 -20.84 -2.76 4.80
CA ASP C 36 -20.68 -1.36 5.13
C ASP C 36 -20.64 -1.19 6.65
N PRO C 37 -19.74 -0.36 7.16
CA PRO C 37 -19.74 -0.02 8.58
C PRO C 37 -20.85 0.98 8.86
N ASN C 38 -20.95 1.38 10.14
CA ASN C 38 -21.87 2.41 10.61
C ASN C 38 -20.99 3.48 11.25
N PRO C 39 -20.34 4.31 10.44
CA PRO C 39 -19.18 5.06 10.94
C PRO C 39 -19.53 6.27 11.80
N TYR C 40 -18.62 6.54 12.74
CA TYR C 40 -18.61 7.80 13.47
C TYR C 40 -17.15 8.14 13.73
N VAL C 41 -16.92 9.41 14.01
CA VAL C 41 -15.58 9.98 14.11
C VAL C 41 -15.41 10.52 15.52
N LYS C 42 -14.32 10.15 16.18
CA LYS C 42 -13.99 10.69 17.48
C LYS C 42 -12.56 11.17 17.50
N THR C 43 -12.35 12.26 18.23
CA THR C 43 -11.05 12.90 18.31
C THR C 43 -10.62 13.04 19.76
N TYR C 44 -9.31 13.09 19.95
CA TYR C 44 -8.66 13.35 21.22
C TYR C 44 -7.52 14.32 20.95
N LEU C 45 -7.25 15.24 21.88
CA LEU C 45 -6.03 16.06 21.84
C LEU C 45 -4.97 15.43 22.72
N LEU C 46 -4.02 14.76 22.10
CA LEU C 46 -2.85 14.25 22.78
C LEU C 46 -1.84 15.36 23.11
N PRO C 47 -1.03 15.18 24.18
CA PRO C 47 -1.08 14.07 25.14
C PRO C 47 -2.36 14.08 25.94
N ASP C 48 -2.90 12.90 26.23
CA ASP C 48 -4.15 12.84 26.98
C ASP C 48 -4.28 11.46 27.60
N ASN C 49 -3.30 11.13 28.43
CA ASN C 49 -3.49 10.09 29.41
C ASN C 49 -4.76 10.47 30.16
N HIS C 50 -5.62 9.48 30.39
CA HIS C 50 -6.93 9.64 31.04
C HIS C 50 -8.08 9.99 30.09
N LYS C 51 -7.83 10.13 28.79
CA LYS C 51 -8.91 10.32 27.81
C LYS C 51 -10.05 11.24 28.23
N THR C 52 -9.71 12.51 28.43
CA THR C 52 -10.66 13.53 28.87
C THR C 52 -10.98 14.58 27.82
N SER C 53 -10.48 14.43 26.59
CA SER C 53 -10.71 15.42 25.52
C SER C 53 -11.46 14.79 24.35
N LYS C 54 -12.30 13.80 24.62
CA LYS C 54 -13.07 13.16 23.58
C LYS C 54 -14.07 14.15 22.98
N ARG C 55 -14.16 14.12 21.66
CA ARG C 55 -15.26 14.71 20.90
C ARG C 55 -15.69 13.64 19.90
N LYS C 56 -16.95 13.71 19.48
CA LYS C 56 -17.56 12.62 18.75
C LYS C 56 -18.57 13.20 17.77
N THR C 57 -18.71 12.56 16.61
CA THR C 57 -19.81 12.86 15.71
C THR C 57 -20.98 11.93 16.02
N LYS C 58 -22.14 12.24 15.44
CA LYS C 58 -23.20 11.24 15.37
C LYS C 58 -22.79 10.11 14.44
N ILE C 59 -23.51 8.99 14.55
CA ILE C 59 -23.35 7.84 13.66
C ILE C 59 -24.06 8.11 12.34
N SER C 60 -23.30 8.09 11.24
CA SER C 60 -23.84 7.80 9.92
C SER C 60 -24.11 6.31 9.85
N ARG C 61 -25.23 5.90 9.27
CA ARG C 61 -25.50 4.52 9.67
C ARG C 61 -25.07 3.44 8.67
N LYS C 62 -25.13 3.58 7.36
CA LYS C 62 -24.57 2.41 6.68
C LYS C 62 -24.00 2.75 5.30
N THR C 63 -22.68 2.96 5.26
CA THR C 63 -22.01 3.40 4.06
C THR C 63 -20.50 3.40 4.31
N ARG C 64 -19.73 3.12 3.25
CA ARG C 64 -18.30 3.39 3.24
C ARG C 64 -17.99 4.87 3.06
N ASN C 65 -18.98 5.70 2.74
CA ASN C 65 -18.74 7.10 2.40
C ASN C 65 -19.67 8.03 3.17
N PRO C 66 -19.55 8.08 4.49
CA PRO C 66 -20.42 8.95 5.30
C PRO C 66 -20.18 10.43 5.06
N THR C 67 -21.26 11.19 5.08
CA THR C 67 -21.21 12.65 5.21
C THR C 67 -21.65 13.00 6.62
N PHE C 68 -20.89 13.88 7.28
CA PHE C 68 -21.21 14.29 8.63
C PHE C 68 -21.56 15.77 8.71
N ASN C 69 -20.72 16.62 8.13
CA ASN C 69 -20.85 18.07 8.23
C ASN C 69 -21.07 18.53 9.67
N GLU C 70 -20.25 17.98 10.56
CA GLU C 70 -20.38 18.18 12.00
C GLU C 70 -19.15 18.89 12.55
N MET C 71 -19.38 19.82 13.47
CA MET C 71 -18.31 20.60 14.08
C MET C 71 -17.92 19.98 15.42
N LEU C 72 -16.64 19.65 15.58
CA LEU C 72 -16.09 19.28 16.88
C LEU C 72 -15.30 20.46 17.41
N VAL C 73 -15.58 20.86 18.66
CA VAL C 73 -15.07 22.13 19.20
C VAL C 73 -14.21 21.86 20.44
N TYR C 74 -13.04 22.51 20.49
CA TYR C 74 -12.20 22.53 21.68
C TYR C 74 -12.01 23.98 22.12
N SER C 75 -12.69 24.37 23.19
CA SER C 75 -12.58 25.71 23.75
C SER C 75 -11.60 25.70 24.91
N GLY C 76 -11.02 26.87 25.19
CA GLY C 76 -10.13 27.03 26.33
C GLY C 76 -8.65 26.80 26.09
N TYR C 77 -8.22 26.68 24.83
CA TYR C 77 -6.81 26.48 24.51
C TYR C 77 -6.25 27.70 23.80
N SER C 78 -5.01 28.05 24.14
CA SER C 78 -4.27 29.09 23.44
C SER C 78 -3.47 28.47 22.29
N LYS C 79 -3.18 29.31 21.30
CA LYS C 79 -2.40 28.82 20.15
C LYS C 79 -1.09 28.21 20.62
N GLU C 80 -0.46 28.82 21.63
CA GLU C 80 0.80 28.29 22.12
C GLU C 80 0.62 26.91 22.75
N THR C 81 -0.53 26.67 23.38
CA THR C 81 -0.77 25.36 23.97
C THR C 81 -1.13 24.32 22.91
N LEU C 82 -1.88 24.72 21.88
CA LEU C 82 -2.26 23.78 20.83
C LEU C 82 -1.07 23.32 20.00
N ARG C 83 0.00 24.12 19.92
CA ARG C 83 1.18 23.69 19.17
C ARG C 83 1.89 22.52 19.85
N GLN C 84 1.65 22.29 21.13
CA GLN C 84 2.18 21.14 21.86
C GLN C 84 1.27 19.92 21.81
N ARG C 85 0.09 20.03 21.20
CA ARG C 85 -0.87 18.95 21.13
C ARG C 85 -0.92 18.35 19.73
N GLU C 86 -1.44 17.11 19.66
CA GLU C 86 -1.78 16.43 18.42
C GLU C 86 -3.27 16.09 18.39
N LEU C 87 -3.94 16.36 17.26
CA LEU C 87 -5.31 15.90 17.09
C LEU C 87 -5.29 14.46 16.60
N GLN C 88 -5.82 13.54 17.40
CA GLN C 88 -5.86 12.13 17.05
C GLN C 88 -7.29 11.84 16.65
N LEU C 89 -7.49 11.53 15.39
CA LEU C 89 -8.79 11.28 14.83
C LEU C 89 -8.93 9.80 14.54
N SER C 90 -10.04 9.20 14.95
CA SER C 90 -10.31 7.78 14.76
C SER C 90 -11.68 7.63 14.11
N VAL C 91 -11.79 6.67 13.21
CA VAL C 91 -13.08 6.29 12.61
C VAL C 91 -13.42 4.89 13.07
N LEU C 92 -14.64 4.73 13.57
CA LEU C 92 -15.07 3.49 14.18
C LEU C 92 -16.46 3.16 13.69
N SER C 93 -16.75 1.87 13.63
CA SER C 93 -18.07 1.43 13.23
C SER C 93 -18.91 1.20 14.49
N ALA C 94 -20.00 1.95 14.64
CA ALA C 94 -20.89 1.70 15.76
C ALA C 94 -21.57 0.35 15.56
N GLU C 95 -21.56 -0.48 16.59
CA GLU C 95 -22.22 -1.77 16.52
C GLU C 95 -23.09 -1.95 17.74
N SER C 96 -24.40 -2.16 17.51
CA SER C 96 -25.25 -2.63 18.58
C SER C 96 -24.69 -3.97 19.05
N LEU C 97 -24.80 -4.21 20.36
CA LEU C 97 -24.30 -5.44 20.96
C LEU C 97 -22.78 -5.49 21.00
N ARG C 98 -22.21 -4.62 21.81
CA ARG C 98 -20.78 -4.55 22.17
C ARG C 98 -19.67 -4.46 21.15
N GLY C 99 -19.97 -4.23 19.90
CA GLY C 99 -18.89 -4.13 18.94
C GLY C 99 -18.09 -2.84 19.08
N ASN C 100 -18.23 -1.98 18.09
CA ASN C 100 -17.47 -0.74 17.90
C ASN C 100 -16.00 -1.02 17.61
N PHE C 101 -15.72 -1.46 16.39
CA PHE C 101 -14.37 -1.71 15.94
C PHE C 101 -13.78 -0.51 15.21
N PHE C 102 -12.45 -0.50 15.17
CA PHE C 102 -11.68 0.59 14.62
C PHE C 102 -11.61 0.43 13.10
N LEU C 103 -11.87 1.51 12.38
CA LEU C 103 -11.80 1.44 10.92
C LEU C 103 -10.50 2.03 10.40
N GLY C 104 -10.10 3.19 10.92
CA GLY C 104 -8.82 3.79 10.59
C GLY C 104 -8.66 5.10 11.34
N GLY C 105 -7.44 5.64 11.30
CA GLY C 105 -7.20 6.85 12.03
C GLY C 105 -6.10 7.68 11.41
N VAL C 106 -5.99 8.91 11.91
CA VAL C 106 -4.89 9.78 11.54
C VAL C 106 -4.62 10.74 12.69
N THR C 107 -3.34 10.98 12.97
CA THR C 107 -2.86 11.92 13.99
C THR C 107 -2.21 13.11 13.31
N LEU C 108 -2.60 14.33 13.69
CA LEU C 108 -2.10 15.55 13.06
C LEU C 108 -1.48 16.49 14.08
N PRO C 109 -0.15 16.65 14.12
CA PRO C 109 0.42 17.68 15.00
C PRO C 109 -0.11 19.07 14.65
N LEU C 110 -0.52 19.82 15.67
CA LEU C 110 -1.15 21.11 15.39
C LEU C 110 -0.13 22.22 15.16
N LYS C 111 1.15 21.98 15.41
CA LYS C 111 2.19 22.89 14.99
C LYS C 111 2.25 23.04 13.47
N ASP C 112 1.74 22.07 12.71
CA ASP C 112 1.73 22.15 11.26
C ASP C 112 0.69 23.11 10.71
N PHE C 113 -0.21 23.63 11.53
CA PHE C 113 -1.30 24.46 11.04
C PHE C 113 -1.04 25.93 11.35
N ASN C 114 -1.41 26.78 10.41
CA ASN C 114 -1.49 28.22 10.63
C ASN C 114 -2.88 28.45 11.21
N LEU C 115 -2.94 28.62 12.52
CA LEU C 115 -4.21 28.73 13.23
C LEU C 115 -4.89 30.07 12.98
N SER C 116 -4.23 30.96 12.24
CA SER C 116 -4.83 32.22 11.82
C SER C 116 -5.62 32.07 10.51
N LYS C 117 -5.70 30.86 9.95
CA LYS C 117 -6.40 30.61 8.69
C LYS C 117 -7.16 29.30 8.78
N GLU C 118 -8.17 29.13 7.91
CA GLU C 118 -8.99 27.92 7.87
C GLU C 118 -8.42 26.93 6.86
N THR C 119 -7.84 25.83 7.36
CA THR C 119 -7.27 24.79 6.54
C THR C 119 -8.30 23.72 6.15
N VAL C 120 -8.42 23.46 4.86
CA VAL C 120 -9.37 22.49 4.30
C VAL C 120 -8.59 21.48 3.48
N LYS C 121 -8.71 20.19 3.81
CA LYS C 121 -8.03 19.19 3.00
C LYS C 121 -8.41 17.77 3.43
N TRP C 122 -8.12 16.83 2.53
CA TRP C 122 -8.22 15.41 2.74
C TRP C 122 -7.02 14.86 3.49
N TYR C 123 -7.27 13.88 4.35
CA TYR C 123 -6.22 13.17 5.10
C TYR C 123 -6.44 11.68 4.94
N GLN C 124 -5.40 10.95 4.58
CA GLN C 124 -5.54 9.51 4.46
C GLN C 124 -5.70 8.90 5.84
N LEU C 125 -6.54 7.87 5.91
CA LEU C 125 -6.78 7.12 7.13
C LEU C 125 -5.92 5.87 7.10
N THR C 126 -5.21 5.62 8.20
CA THR C 126 -4.30 4.50 8.30
C THR C 126 -5.02 3.36 9.01
N ALA C 127 -5.07 2.22 8.34
CA ALA C 127 -5.91 1.08 8.69
C ALA C 127 -5.14 0.09 9.57
N ALA C 128 -5.91 -0.84 10.16
CA ALA C 128 -5.37 -1.87 11.04
C ALA C 128 -4.71 -3.00 10.23
N THR C 129 -4.13 -3.97 10.95
CA THR C 129 -3.54 -5.17 10.35
C THR C 129 -2.43 -4.83 9.36
#